data_2QMB
#
_entry.id   2QMB
#
_cell.length_a   66.000
_cell.length_b   79.795
_cell.length_c   103.920
_cell.angle_alpha   90.00
_cell.angle_beta   90.00
_cell.angle_gamma   90.00
#
_symmetry.space_group_name_H-M   'P 21 21 21'
#
loop_
_entity.id
_entity.type
_entity.pdbx_description
1 polymer 'Hemoglobin subunit alpha-A'
2 polymer 'Hemoglobin beta chain'
3 non-polymer 'PROTOPORPHYRIN IX CONTAINING FE'
4 non-polymer 'OXYGEN MOLECULE'
#
loop_
_entity_poly.entity_id
_entity_poly.type
_entity_poly.pdbx_seq_one_letter_code
_entity_poly.pdbx_strand_id
1 'polypeptide(L)'
;MVLSAADKNNVKGIFTKIAGHAEEYGAETLERMFITYPPTKTYFPHFDLSHGSAQIKGHGKKVVAALIEAANHIDDIAGT
LSKLSDLHAHKLRVDPVNFKLLGQCFLVVVAIHHPAALTPEVHASLDKFLCAVGTVLTAKYR
;
A,C
2 'polypeptide(L)'
;VHWSAEEKQLITGLWGKVNVADCGAEALARLLIVYPWTQRFFASFGNLSSPTAILGNPMVRAHGKKVLTSFGDAVKNLDN
IKNTFSQLSELHCDKLHVDPENFRLLGDILIIVLAAHFSKDFTPECQAAWQKLVRVVAHALARKYH
;
B,D
#
# COMPACT_ATOMS: atom_id res chain seq x y z
N VAL A 2 17.89 3.65 7.50
CA VAL A 2 17.65 2.18 7.27
C VAL A 2 17.47 1.57 8.72
N LEU A 3 18.14 0.44 9.00
CA LEU A 3 18.00 -0.10 10.31
C LEU A 3 18.99 0.58 11.21
N SER A 4 18.59 1.46 12.10
CA SER A 4 19.65 2.11 12.87
C SER A 4 20.26 1.18 13.95
N ALA A 5 21.18 1.67 14.74
CA ALA A 5 21.86 0.87 15.76
C ALA A 5 20.90 0.61 16.87
N ALA A 6 19.94 1.52 16.91
CA ALA A 6 19.11 1.42 18.05
C ALA A 6 17.90 0.39 17.76
N ASP A 7 17.54 0.34 16.46
CA ASP A 7 16.68 -0.65 15.96
C ASP A 7 17.36 -2.05 16.18
N LYS A 8 18.63 -2.18 15.76
CA LYS A 8 19.15 -3.47 15.70
C LYS A 8 19.27 -3.97 17.10
N ASN A 9 19.53 -3.12 18.09
CA ASN A 9 19.34 -3.74 19.48
C ASN A 9 17.99 -4.22 19.73
N ASN A 10 17.02 -3.33 19.53
CA ASN A 10 15.65 -3.66 19.81
C ASN A 10 15.41 -5.03 19.18
N VAL A 11 15.81 -5.25 17.95
CA VAL A 11 15.37 -6.39 17.33
C VAL A 11 16.02 -7.47 18.04
N LYS A 12 17.33 -7.40 18.09
CA LYS A 12 18.18 -8.44 18.77
C LYS A 12 17.67 -8.87 20.14
N GLY A 13 17.14 -7.87 20.80
CA GLY A 13 16.70 -8.01 22.16
C GLY A 13 15.45 -8.82 22.24
N ILE A 14 14.52 -8.52 21.36
CA ILE A 14 13.26 -9.18 21.48
C ILE A 14 13.54 -10.61 20.91
N PHE A 15 14.40 -10.72 19.87
CA PHE A 15 14.64 -12.07 19.43
C PHE A 15 15.28 -12.89 20.51
N THR A 16 16.13 -12.30 21.35
CA THR A 16 16.79 -13.10 22.39
C THR A 16 15.70 -13.64 23.23
N LYS A 17 14.73 -12.78 23.51
CA LYS A 17 13.65 -13.17 24.36
C LYS A 17 12.67 -14.18 23.76
N ILE A 18 12.66 -14.45 22.43
CA ILE A 18 11.73 -15.36 21.77
C ILE A 18 12.36 -16.70 21.46
N ALA A 19 13.39 -16.70 20.60
CA ALA A 19 14.35 -17.78 20.52
C ALA A 19 13.77 -19.16 20.90
N GLY A 20 13.58 -19.36 22.20
CA GLY A 20 13.20 -20.62 22.78
C GLY A 20 12.02 -21.19 22.10
N HIS A 21 10.99 -20.37 22.09
CA HIS A 21 9.74 -20.63 21.40
C HIS A 21 9.70 -20.46 19.88
N ALA A 22 10.77 -20.65 19.15
CA ALA A 22 10.66 -20.30 17.71
C ALA A 22 9.71 -21.19 16.94
N GLU A 23 9.71 -22.47 17.18
CA GLU A 23 8.67 -23.35 16.63
C GLU A 23 7.20 -23.10 17.02
N GLU A 24 6.90 -22.60 18.23
CA GLU A 24 5.46 -22.44 18.60
C GLU A 24 4.92 -21.20 18.02
N TYR A 25 5.70 -20.15 18.23
CA TYR A 25 5.44 -18.86 17.63
C TYR A 25 5.40 -19.04 16.19
N GLY A 26 6.14 -19.96 15.69
CA GLY A 26 6.15 -20.01 14.20
C GLY A 26 4.85 -20.48 13.67
N ALA A 27 4.22 -21.32 14.47
CA ALA A 27 3.11 -22.06 13.95
C ALA A 27 1.87 -21.28 14.29
N GLU A 28 1.83 -20.66 15.47
CA GLU A 28 0.70 -19.81 15.75
C GLU A 28 0.66 -18.64 14.78
N THR A 29 1.84 -18.15 14.39
CA THR A 29 1.95 -17.09 13.38
C THR A 29 1.19 -17.50 12.09
N LEU A 30 1.53 -18.65 11.58
CA LEU A 30 1.01 -19.15 10.39
C LEU A 30 -0.52 -19.48 10.54
N GLU A 31 -0.94 -20.20 11.57
CA GLU A 31 -2.34 -20.50 11.80
C GLU A 31 -3.24 -19.28 11.78
N ARG A 32 -2.70 -18.13 12.24
CA ARG A 32 -3.53 -16.98 12.60
C ARG A 32 -3.63 -16.33 11.24
N MET A 33 -2.57 -16.44 10.46
CA MET A 33 -2.61 -15.79 9.21
C MET A 33 -3.70 -16.44 8.32
N PHE A 34 -3.90 -17.75 8.49
CA PHE A 34 -4.77 -18.52 7.66
C PHE A 34 -6.25 -18.42 8.11
N ILE A 35 -6.50 -18.33 9.38
CA ILE A 35 -7.81 -17.99 9.80
C ILE A 35 -8.17 -16.49 9.52
N THR A 36 -7.27 -15.57 9.84
CA THR A 36 -7.46 -14.14 9.51
C THR A 36 -7.32 -13.79 8.03
N TYR A 37 -6.35 -14.27 7.30
CA TYR A 37 -6.32 -13.84 5.92
C TYR A 37 -6.51 -15.03 5.00
N PRO A 38 -7.75 -15.53 4.91
CA PRO A 38 -7.96 -16.84 4.16
C PRO A 38 -7.46 -16.88 2.71
N PRO A 39 -7.39 -15.78 2.00
CA PRO A 39 -6.79 -15.92 0.74
C PRO A 39 -5.39 -16.39 0.84
N THR A 40 -4.77 -16.27 2.01
CA THR A 40 -3.39 -16.72 2.07
C THR A 40 -3.19 -18.24 1.95
N LYS A 41 -4.25 -19.04 2.02
CA LYS A 41 -4.12 -20.52 2.09
C LYS A 41 -3.80 -21.01 0.69
N THR A 42 -4.20 -20.15 -0.25
CA THR A 42 -4.27 -20.42 -1.65
C THR A 42 -2.91 -20.76 -2.03
N TYR A 43 -1.90 -20.47 -1.20
CA TYR A 43 -0.51 -20.69 -1.63
C TYR A 43 0.07 -21.98 -1.05
N PHE A 44 -0.73 -22.70 -0.25
CA PHE A 44 -0.27 -23.81 0.52
C PHE A 44 -1.32 -24.89 0.23
N PRO A 45 -1.39 -25.31 -1.06
CA PRO A 45 -2.66 -25.91 -1.54
C PRO A 45 -2.37 -27.29 -1.16
N HIS A 46 -1.11 -27.62 -1.20
CA HIS A 46 -0.68 -28.84 -0.64
C HIS A 46 -0.48 -29.02 0.92
N PHE A 47 -0.96 -28.10 1.76
CA PHE A 47 -0.83 -28.34 3.21
C PHE A 47 -2.07 -28.97 3.90
N ASP A 48 -1.86 -29.79 4.92
CA ASP A 48 -2.90 -30.06 5.89
C ASP A 48 -3.17 -28.77 6.67
N LEU A 49 -4.06 -27.90 6.21
CA LEU A 49 -4.28 -26.57 6.90
C LEU A 49 -5.13 -26.62 8.17
N SER A 50 -5.48 -27.83 8.61
CA SER A 50 -6.31 -27.99 9.76
C SER A 50 -5.46 -27.63 11.01
N HIS A 51 -6.08 -27.02 12.06
CA HIS A 51 -5.38 -26.74 13.40
C HIS A 51 -4.44 -27.87 13.91
N GLY A 52 -3.21 -27.54 14.28
CA GLY A 52 -2.36 -28.54 14.87
C GLY A 52 -1.50 -29.15 13.79
N SER A 53 -1.98 -29.24 12.56
CA SER A 53 -1.19 -30.00 11.54
C SER A 53 0.31 -29.84 11.72
N ALA A 54 1.03 -30.74 11.10
CA ALA A 54 2.38 -30.78 11.52
C ALA A 54 3.09 -30.23 10.35
N GLN A 55 2.45 -29.95 9.22
CA GLN A 55 3.30 -29.34 8.16
C GLN A 55 3.43 -27.87 8.55
N ILE A 56 2.30 -27.29 8.94
CA ILE A 56 2.29 -25.99 9.56
C ILE A 56 3.41 -25.94 10.61
N LYS A 57 3.45 -26.96 11.49
CA LYS A 57 4.39 -26.93 12.60
C LYS A 57 5.83 -26.84 12.16
N GLY A 58 6.18 -27.35 11.01
CA GLY A 58 7.57 -27.41 10.75
C GLY A 58 7.75 -26.42 9.70
N HIS A 59 6.67 -25.99 9.04
CA HIS A 59 6.90 -24.81 8.18
C HIS A 59 7.16 -23.59 9.01
N GLY A 60 6.34 -23.40 10.04
CA GLY A 60 6.53 -22.36 10.95
C GLY A 60 7.82 -22.49 11.75
N LYS A 61 8.33 -23.68 11.92
CA LYS A 61 9.69 -23.64 12.35
C LYS A 61 10.57 -22.87 11.29
N LYS A 62 10.38 -23.10 9.94
CA LYS A 62 11.42 -22.61 8.98
C LYS A 62 11.39 -21.13 8.87
N VAL A 63 10.14 -20.70 8.92
CA VAL A 63 9.82 -19.31 8.78
C VAL A 63 10.65 -18.54 9.79
N VAL A 64 10.48 -18.83 11.07
CA VAL A 64 11.15 -18.02 12.09
C VAL A 64 12.59 -18.33 12.33
N ALA A 65 13.00 -19.46 11.81
CA ALA A 65 14.40 -19.75 11.89
C ALA A 65 15.15 -18.84 10.91
N ALA A 66 14.55 -18.61 9.75
CA ALA A 66 15.05 -17.76 8.77
C ALA A 66 15.12 -16.36 9.33
N LEU A 67 14.08 -15.98 10.05
CA LEU A 67 14.05 -14.66 10.58
C LEU A 67 15.17 -14.54 11.62
N ILE A 68 15.17 -15.44 12.61
CA ILE A 68 16.25 -15.56 13.62
C ILE A 68 17.56 -15.43 12.98
N GLU A 69 17.64 -15.91 11.74
CA GLU A 69 18.95 -15.95 11.09
C GLU A 69 19.46 -14.61 10.62
N ALA A 70 18.59 -13.88 9.89
CA ALA A 70 18.69 -12.50 9.51
C ALA A 70 18.96 -11.66 10.65
N ALA A 71 18.58 -12.12 11.85
CA ALA A 71 18.81 -11.28 13.02
C ALA A 71 20.27 -11.31 13.44
N ASN A 72 20.89 -12.43 13.48
CA ASN A 72 22.34 -12.52 13.62
C ASN A 72 23.21 -11.91 12.56
N HIS A 73 22.72 -11.64 11.36
CA HIS A 73 23.55 -10.89 10.40
C HIS A 73 22.74 -9.80 9.97
N ILE A 74 22.34 -9.04 10.94
CA ILE A 74 21.28 -8.13 10.71
C ILE A 74 21.86 -6.98 9.83
N ASP A 75 23.19 -6.91 9.83
CA ASP A 75 23.99 -5.95 9.07
C ASP A 75 23.89 -6.07 7.57
N ASP A 76 23.65 -7.30 7.13
CA ASP A 76 23.37 -7.65 5.75
C ASP A 76 22.23 -8.66 5.62
N ILE A 77 21.05 -8.23 6.01
CA ILE A 77 19.86 -9.03 5.72
C ILE A 77 19.78 -9.58 4.25
N ALA A 78 20.11 -8.72 3.30
CA ALA A 78 19.65 -8.97 1.94
C ALA A 78 20.43 -10.11 1.46
N GLY A 79 21.72 -10.05 1.77
CA GLY A 79 22.70 -11.13 1.57
C GLY A 79 22.26 -12.39 2.25
N THR A 80 22.20 -12.36 3.55
CA THR A 80 21.56 -13.50 4.21
C THR A 80 20.28 -14.12 3.64
N LEU A 81 19.35 -13.40 3.05
CA LEU A 81 18.04 -14.03 2.81
C LEU A 81 17.76 -14.33 1.39
N SER A 82 18.65 -13.89 0.53
CA SER A 82 18.43 -13.89 -0.92
C SER A 82 18.17 -15.26 -1.54
N LYS A 83 18.67 -16.26 -0.91
CA LYS A 83 18.22 -17.61 -1.24
C LYS A 83 16.67 -17.82 -1.28
N LEU A 84 15.96 -16.96 -0.52
CA LEU A 84 14.52 -17.15 -0.41
C LEU A 84 13.71 -16.31 -1.37
N SER A 85 14.38 -15.44 -2.13
CA SER A 85 13.70 -14.52 -3.03
C SER A 85 13.41 -15.29 -4.18
N ASP A 86 14.44 -15.89 -4.68
CA ASP A 86 14.21 -16.54 -5.95
C ASP A 86 12.85 -17.19 -5.91
N LEU A 87 12.73 -17.98 -4.86
CA LEU A 87 11.69 -18.88 -4.70
C LEU A 87 10.38 -18.17 -4.50
N HIS A 88 10.43 -17.02 -3.87
CA HIS A 88 9.23 -16.38 -3.36
C HIS A 88 8.73 -15.44 -4.44
N ALA A 89 9.63 -14.86 -5.14
CA ALA A 89 9.30 -13.83 -6.00
C ALA A 89 8.98 -14.37 -7.37
N HIS A 90 9.97 -15.06 -7.92
CA HIS A 90 9.91 -15.87 -9.13
C HIS A 90 9.01 -17.08 -8.90
N LYS A 91 9.38 -17.93 -7.99
CA LYS A 91 8.86 -19.25 -8.24
C LYS A 91 7.40 -19.31 -7.81
N LEU A 92 7.19 -18.94 -6.55
CA LEU A 92 5.90 -18.88 -6.00
C LEU A 92 5.14 -17.66 -6.49
N ARG A 93 5.82 -16.63 -6.99
CA ARG A 93 5.16 -15.42 -7.31
C ARG A 93 4.17 -15.01 -6.18
N VAL A 94 4.70 -14.51 -5.08
CA VAL A 94 3.85 -14.23 -3.91
C VAL A 94 3.47 -12.71 -3.84
N ASP A 95 2.19 -12.42 -3.62
CA ASP A 95 1.79 -11.05 -3.74
C ASP A 95 2.33 -10.22 -2.59
N PRO A 96 2.97 -9.08 -2.89
CA PRO A 96 3.70 -8.37 -1.74
C PRO A 96 2.87 -8.04 -0.58
N VAL A 97 1.56 -7.93 -0.77
CA VAL A 97 0.60 -7.66 0.27
C VAL A 97 0.86 -8.72 1.33
N ASN A 98 1.32 -9.88 0.92
CA ASN A 98 1.22 -11.04 1.78
C ASN A 98 2.25 -10.97 2.89
N PHE A 99 3.26 -10.17 2.64
CA PHE A 99 4.26 -10.06 3.59
C PHE A 99 3.86 -9.16 4.67
N LYS A 100 3.11 -8.10 4.43
CA LYS A 100 2.59 -7.36 5.52
C LYS A 100 1.72 -8.22 6.42
N LEU A 101 0.82 -8.97 5.81
CA LEU A 101 0.02 -9.93 6.46
C LEU A 101 0.74 -10.90 7.38
N LEU A 102 1.69 -11.69 6.86
CA LEU A 102 2.40 -12.55 7.79
C LEU A 102 3.02 -11.66 8.84
N GLY A 103 3.59 -10.58 8.36
CA GLY A 103 4.27 -9.81 9.31
C GLY A 103 3.33 -9.35 10.41
N GLN A 104 2.06 -9.11 10.10
CA GLN A 104 1.26 -8.58 11.12
C GLN A 104 0.97 -9.68 12.01
N CYS A 105 0.81 -10.88 11.49
CA CYS A 105 0.50 -11.89 12.47
C CYS A 105 1.68 -12.31 13.32
N PHE A 106 2.91 -12.10 12.81
CA PHE A 106 4.04 -12.34 13.72
C PHE A 106 3.99 -11.39 14.91
N LEU A 107 3.68 -10.09 14.61
CA LEU A 107 3.62 -9.16 15.73
C LEU A 107 2.50 -9.54 16.65
N VAL A 108 1.42 -10.09 16.14
CA VAL A 108 0.36 -10.40 17.16
C VAL A 108 0.88 -11.54 18.07
N VAL A 109 1.52 -12.57 17.49
CA VAL A 109 2.03 -13.66 18.35
C VAL A 109 3.09 -13.00 19.29
N VAL A 110 3.87 -12.04 18.80
CA VAL A 110 4.82 -11.60 19.75
C VAL A 110 4.05 -10.94 20.89
N ALA A 111 2.98 -10.24 20.53
CA ALA A 111 2.31 -9.51 21.59
C ALA A 111 1.54 -10.33 22.60
N ILE A 112 1.02 -11.51 22.27
CA ILE A 112 0.21 -12.28 23.22
C ILE A 112 1.16 -12.90 24.28
N HIS A 113 2.21 -13.56 23.81
CA HIS A 113 3.27 -14.00 24.72
C HIS A 113 4.22 -13.09 25.43
N HIS A 114 4.61 -11.92 24.87
CA HIS A 114 5.67 -11.08 25.42
C HIS A 114 5.31 -9.59 25.35
N PRO A 115 4.05 -9.28 25.65
CA PRO A 115 3.50 -7.90 25.43
C PRO A 115 4.39 -6.91 26.09
N ALA A 116 4.86 -7.19 27.26
CA ALA A 116 5.79 -6.25 27.94
C ALA A 116 7.01 -5.89 27.20
N ALA A 117 7.30 -6.59 26.13
CA ALA A 117 8.50 -6.34 25.43
C ALA A 117 8.20 -5.69 24.08
N LEU A 118 6.99 -5.91 23.52
CA LEU A 118 6.68 -5.15 22.37
C LEU A 118 6.39 -3.77 22.89
N THR A 119 7.24 -3.13 23.70
CA THR A 119 7.10 -1.68 23.83
C THR A 119 6.94 -0.97 22.46
N PRO A 120 6.26 0.11 22.43
CA PRO A 120 6.06 0.87 21.17
C PRO A 120 7.35 1.23 20.47
N GLU A 121 8.42 1.53 21.24
CA GLU A 121 9.71 1.77 20.57
C GLU A 121 10.21 0.47 20.00
N VAL A 122 10.13 -0.65 20.76
CA VAL A 122 10.38 -1.97 20.12
C VAL A 122 9.56 -2.38 18.89
N HIS A 123 8.30 -2.03 18.96
CA HIS A 123 7.32 -2.40 17.91
C HIS A 123 7.72 -1.79 16.62
N ALA A 124 8.23 -0.61 16.74
CA ALA A 124 8.67 0.13 15.59
C ALA A 124 9.93 -0.46 15.01
N SER A 125 10.91 -0.85 15.85
CA SER A 125 12.19 -1.41 15.29
C SER A 125 11.78 -2.64 14.55
N LEU A 126 10.79 -3.33 15.22
CA LEU A 126 10.39 -4.60 14.77
C LEU A 126 9.75 -4.54 13.43
N ASP A 127 9.06 -3.45 13.11
CA ASP A 127 8.24 -3.31 11.85
C ASP A 127 9.17 -2.90 10.79
N LYS A 128 10.03 -1.93 11.11
CA LYS A 128 11.14 -1.73 10.12
C LYS A 128 11.85 -3.02 9.60
N PHE A 129 12.02 -3.97 10.51
CA PHE A 129 12.86 -5.12 10.22
C PHE A 129 12.03 -6.00 9.37
N LEU A 130 10.72 -6.03 9.65
CA LEU A 130 9.77 -6.89 8.95
C LEU A 130 9.53 -6.44 7.51
N CYS A 131 9.72 -5.16 7.29
CA CYS A 131 9.56 -4.60 6.03
C CYS A 131 10.78 -4.99 5.28
N ALA A 132 11.94 -4.89 5.93
CA ALA A 132 13.24 -5.15 5.25
C ALA A 132 13.23 -6.56 4.76
N VAL A 133 12.85 -7.49 5.61
CA VAL A 133 12.70 -8.83 5.18
C VAL A 133 11.68 -8.89 3.98
N GLY A 134 10.55 -8.21 4.09
CA GLY A 134 9.51 -8.36 3.10
C GLY A 134 10.19 -7.89 1.85
N THR A 135 10.97 -6.86 1.97
CA THR A 135 11.51 -6.26 0.78
C THR A 135 12.48 -7.13 0.03
N VAL A 136 13.52 -7.65 0.67
CA VAL A 136 14.36 -8.74 0.14
C VAL A 136 13.67 -10.00 -0.43
N LEU A 137 12.67 -10.59 0.21
CA LEU A 137 11.97 -11.74 -0.46
C LEU A 137 11.16 -11.30 -1.72
N THR A 138 10.71 -10.03 -1.76
CA THR A 138 10.02 -9.49 -2.94
C THR A 138 10.99 -8.94 -3.97
N ALA A 139 12.24 -8.88 -3.56
CA ALA A 139 13.45 -8.40 -4.28
C ALA A 139 13.46 -8.21 -5.75
N LYS A 140 13.84 -9.29 -6.44
CA LYS A 140 14.07 -9.40 -7.90
C LYS A 140 12.65 -9.22 -8.58
N TYR A 141 11.91 -8.25 -8.02
CA TYR A 141 10.84 -7.48 -8.68
C TYR A 141 11.43 -6.04 -8.82
N ARG A 142 11.90 -5.51 -7.65
CA ARG A 142 12.55 -4.20 -7.52
C ARG A 142 13.99 -4.32 -6.92
N VAL B 1 -22.03 -5.48 4.54
CA VAL B 1 -21.23 -6.58 5.16
C VAL B 1 -22.08 -7.50 6.01
N HIS B 2 -21.74 -8.77 6.02
CA HIS B 2 -22.65 -9.68 6.68
C HIS B 2 -22.08 -10.25 7.99
N TRP B 3 -22.72 -9.98 9.12
CA TRP B 3 -22.15 -10.54 10.42
C TRP B 3 -22.59 -11.92 10.97
N SER B 4 -21.75 -12.91 10.88
CA SER B 4 -22.03 -14.21 11.47
C SER B 4 -22.48 -13.99 12.93
N ALA B 5 -23.14 -14.95 13.54
CA ALA B 5 -23.50 -14.76 14.90
C ALA B 5 -22.31 -15.09 15.84
N GLU B 6 -21.52 -16.12 15.50
CA GLU B 6 -20.31 -16.47 16.30
C GLU B 6 -19.49 -15.24 16.31
N GLU B 7 -19.24 -14.65 15.14
CA GLU B 7 -18.59 -13.36 15.15
C GLU B 7 -19.23 -12.27 15.99
N LYS B 8 -20.52 -11.94 15.88
CA LYS B 8 -21.03 -10.90 16.84
C LYS B 8 -20.60 -11.17 18.29
N GLN B 9 -20.52 -12.45 18.64
CA GLN B 9 -20.35 -12.65 20.07
C GLN B 9 -18.93 -12.50 20.57
N LEU B 10 -17.99 -12.78 19.65
CA LEU B 10 -16.54 -12.59 19.78
C LEU B 10 -16.19 -11.16 19.78
N ILE B 11 -16.92 -10.33 19.04
CA ILE B 11 -16.56 -8.92 19.09
C ILE B 11 -17.22 -8.45 20.35
N THR B 12 -18.45 -8.86 20.57
CA THR B 12 -19.17 -8.35 21.77
C THR B 12 -18.64 -8.61 23.23
N GLY B 13 -18.09 -9.83 23.51
CA GLY B 13 -17.51 -10.20 24.79
C GLY B 13 -16.13 -9.55 25.09
N LEU B 14 -15.24 -9.69 24.13
CA LEU B 14 -14.00 -8.93 24.18
C LEU B 14 -14.29 -7.48 24.42
N TRP B 15 -15.19 -6.92 23.70
CA TRP B 15 -15.33 -5.54 23.87
C TRP B 15 -15.64 -5.21 25.33
N GLY B 16 -16.46 -6.05 25.95
CA GLY B 16 -17.02 -5.72 27.20
C GLY B 16 -15.95 -5.70 28.26
N LYS B 17 -14.75 -6.27 28.05
CA LYS B 17 -13.69 -6.06 29.04
C LYS B 17 -12.56 -5.10 28.55
N VAL B 18 -12.72 -4.31 27.51
CA VAL B 18 -11.61 -3.51 27.10
C VAL B 18 -11.62 -2.33 28.04
N ASN B 19 -10.53 -1.99 28.74
CA ASN B 19 -10.25 -0.63 29.24
C ASN B 19 -9.98 0.48 28.09
N VAL B 20 -10.99 1.29 27.78
CA VAL B 20 -10.97 1.97 26.54
C VAL B 20 -9.76 2.97 26.68
N ALA B 21 -9.53 3.46 27.90
CA ALA B 21 -8.58 4.50 28.03
C ALA B 21 -7.23 3.88 27.92
N ASP B 22 -7.03 2.68 28.51
CA ASP B 22 -5.71 2.04 28.49
C ASP B 22 -5.31 1.77 27.06
N CYS B 23 -6.16 1.17 26.23
CA CYS B 23 -5.87 0.77 24.79
C CYS B 23 -5.88 1.93 23.93
N GLY B 24 -6.70 2.90 24.28
CA GLY B 24 -6.71 4.12 23.47
C GLY B 24 -5.35 4.80 23.50
N ALA B 25 -4.81 5.06 24.68
CA ALA B 25 -3.68 5.89 24.70
C ALA B 25 -2.69 5.06 23.95
N GLU B 26 -2.67 3.75 24.21
CA GLU B 26 -1.69 2.95 23.58
C GLU B 26 -1.69 2.78 22.01
N ALA B 27 -2.87 2.44 21.42
CA ALA B 27 -3.11 2.46 20.01
C ALA B 27 -2.55 3.66 19.35
N LEU B 28 -2.87 4.81 19.87
CA LEU B 28 -2.54 6.05 19.31
C LEU B 28 -1.09 6.36 19.55
N ALA B 29 -0.57 6.17 20.74
CA ALA B 29 0.89 6.36 20.85
C ALA B 29 1.63 5.52 19.87
N ARG B 30 1.16 4.27 19.65
CA ARG B 30 1.92 3.45 18.76
C ARG B 30 1.79 3.88 17.32
N LEU B 31 0.57 4.28 16.92
CA LEU B 31 0.42 4.87 15.60
C LEU B 31 1.45 6.03 15.48
N LEU B 32 1.59 6.98 16.44
CA LEU B 32 2.54 8.12 16.20
C LEU B 32 4.01 7.72 16.10
N ILE B 33 4.30 6.66 16.81
CA ILE B 33 5.69 6.29 16.97
C ILE B 33 6.02 5.38 15.84
N VAL B 34 5.07 4.63 15.30
CA VAL B 34 5.54 3.50 14.53
C VAL B 34 5.54 3.96 13.09
N TYR B 35 4.57 4.82 12.78
CA TYR B 35 4.35 5.45 11.50
C TYR B 35 4.46 7.02 11.62
N PRO B 36 5.70 7.54 11.62
CA PRO B 36 5.93 8.80 12.20
C PRO B 36 5.32 9.86 11.38
N TRP B 37 5.07 9.58 10.15
CA TRP B 37 4.36 10.59 9.40
C TRP B 37 3.03 10.92 9.97
N THR B 38 2.29 9.98 10.62
CA THR B 38 0.94 10.37 11.18
C THR B 38 1.16 11.49 12.17
N GLN B 39 2.38 11.78 12.58
CA GLN B 39 2.53 12.86 13.52
C GLN B 39 2.03 14.13 13.05
N ARG B 40 2.11 14.35 11.75
CA ARG B 40 1.67 15.59 11.12
C ARG B 40 0.22 15.87 11.39
N PHE B 41 -0.65 14.93 11.23
CA PHE B 41 -1.96 15.27 11.54
C PHE B 41 -2.12 15.63 12.94
N PHE B 42 -1.20 15.24 13.82
CA PHE B 42 -1.53 15.51 15.19
C PHE B 42 -0.74 16.56 15.88
N ALA B 43 -0.34 17.58 15.18
CA ALA B 43 0.75 18.42 15.69
C ALA B 43 0.15 19.47 16.61
N SER B 44 -1.12 19.77 16.44
CA SER B 44 -1.80 20.64 17.33
C SER B 44 -1.57 20.10 18.70
N PHE B 45 -1.10 18.86 18.86
CA PHE B 45 -1.08 18.29 20.19
C PHE B 45 0.14 18.76 20.99
N GLY B 46 1.01 19.58 20.42
CA GLY B 46 2.14 19.99 21.24
C GLY B 46 3.43 19.20 21.04
N ASN B 47 4.21 18.97 22.08
CA ASN B 47 5.51 18.23 21.84
C ASN B 47 5.35 16.71 21.50
N LEU B 48 5.69 16.32 20.24
CA LEU B 48 5.82 14.93 19.69
C LEU B 48 7.25 14.65 19.24
N SER B 49 8.21 15.20 19.96
CA SER B 49 9.56 15.24 19.41
C SER B 49 10.31 13.95 19.61
N SER B 50 10.01 13.25 20.68
CA SER B 50 10.60 11.97 20.88
C SER B 50 9.47 11.05 21.35
N PRO B 51 9.67 9.73 21.16
CA PRO B 51 8.89 8.71 21.73
C PRO B 51 8.49 8.98 23.12
N THR B 52 9.39 9.49 23.93
CA THR B 52 8.99 9.68 25.25
C THR B 52 8.07 10.85 25.27
N ALA B 53 8.41 11.88 24.48
CA ALA B 53 7.51 13.04 24.40
C ALA B 53 6.13 12.55 24.11
N ILE B 54 6.05 11.77 23.05
CA ILE B 54 4.78 11.21 22.68
C ILE B 54 4.04 10.39 23.70
N LEU B 55 4.64 9.45 24.45
CA LEU B 55 3.79 8.73 25.44
C LEU B 55 3.65 9.57 26.65
N GLY B 56 4.54 10.56 26.74
CA GLY B 56 4.34 11.59 27.72
C GLY B 56 3.11 12.52 27.60
N ASN B 57 2.75 12.83 26.36
CA ASN B 57 1.70 13.79 26.06
C ASN B 57 0.24 13.57 26.49
N PRO B 58 -0.32 14.57 27.18
CA PRO B 58 -1.69 14.45 27.66
C PRO B 58 -2.66 14.34 26.57
N MET B 59 -2.44 14.98 25.44
CA MET B 59 -3.53 15.01 24.50
C MET B 59 -3.54 13.67 23.78
N VAL B 60 -2.33 13.12 23.59
CA VAL B 60 -2.19 11.86 22.90
C VAL B 60 -3.00 10.90 23.72
N ARG B 61 -2.77 10.88 25.07
CA ARG B 61 -3.48 9.89 25.88
C ARG B 61 -4.93 10.20 25.75
N ALA B 62 -5.29 11.47 25.97
CA ALA B 62 -6.67 11.79 26.00
C ALA B 62 -7.40 11.54 24.67
N HIS B 63 -6.74 11.74 23.54
CA HIS B 63 -7.46 11.58 22.32
C HIS B 63 -7.59 10.03 22.02
N GLY B 64 -6.60 9.24 22.47
CA GLY B 64 -6.68 7.73 22.43
C GLY B 64 -8.01 7.21 22.97
N LYS B 65 -8.35 7.64 24.20
CA LYS B 65 -9.67 7.33 24.75
C LYS B 65 -10.84 7.67 23.85
N LYS B 66 -10.94 8.93 23.46
CA LYS B 66 -11.87 9.31 22.31
C LYS B 66 -11.95 8.38 21.14
N VAL B 67 -10.82 7.89 20.61
CA VAL B 67 -10.86 6.97 19.49
C VAL B 67 -11.54 5.62 19.79
N LEU B 68 -11.03 5.04 20.89
CA LEU B 68 -11.47 3.72 21.23
C LEU B 68 -12.98 3.70 21.51
N THR B 69 -13.38 4.77 22.20
CA THR B 69 -14.75 5.08 22.37
C THR B 69 -15.50 4.98 21.01
N SER B 70 -15.09 5.75 20.03
CA SER B 70 -15.70 5.59 18.74
C SER B 70 -15.71 4.15 18.14
N PHE B 71 -14.68 3.36 18.46
CA PHE B 71 -14.91 1.92 18.19
C PHE B 71 -16.15 1.29 18.83
N GLY B 72 -16.31 1.49 20.13
CA GLY B 72 -17.53 1.24 20.82
C GLY B 72 -18.71 1.55 19.93
N ASP B 73 -18.79 2.75 19.30
CA ASP B 73 -20.06 2.99 18.55
C ASP B 73 -20.33 1.93 17.51
N ALA B 74 -19.28 1.50 16.80
CA ALA B 74 -19.45 0.28 15.96
C ALA B 74 -19.78 -0.96 16.69
N VAL B 75 -19.25 -1.20 17.89
CA VAL B 75 -19.49 -2.49 18.41
C VAL B 75 -20.92 -2.47 18.81
N LYS B 76 -21.47 -1.29 19.13
CA LYS B 76 -22.90 -1.15 19.47
C LYS B 76 -23.86 -1.34 18.35
N ASN B 77 -23.34 -1.47 17.12
CA ASN B 77 -24.11 -1.19 15.94
C ASN B 77 -23.55 -1.87 14.75
N LEU B 78 -23.25 -3.15 14.90
CA LEU B 78 -22.58 -3.91 13.87
C LEU B 78 -23.37 -3.95 12.62
N ASP B 79 -24.59 -3.45 12.66
CA ASP B 79 -25.35 -3.59 11.46
C ASP B 79 -25.60 -2.26 10.85
N ASN B 80 -24.74 -1.34 11.14
CA ASN B 80 -25.03 -0.02 10.80
C ASN B 80 -23.79 0.73 10.97
N ILE B 81 -22.72 0.11 10.50
CA ILE B 81 -21.45 0.72 10.78
C ILE B 81 -21.33 1.84 9.76
N LYS B 82 -21.73 1.55 8.53
CA LYS B 82 -22.04 2.59 7.53
C LYS B 82 -22.45 3.93 8.16
N ASN B 83 -23.61 4.04 8.82
CA ASN B 83 -23.99 5.42 9.30
C ASN B 83 -23.34 5.94 10.59
N THR B 84 -22.89 5.07 11.49
CA THR B 84 -22.09 5.51 12.67
C THR B 84 -20.88 6.37 12.24
N PHE B 85 -20.22 5.98 11.20
CA PHE B 85 -19.02 6.68 10.93
C PHE B 85 -19.17 7.79 9.91
N SER B 86 -20.41 8.11 9.56
CA SER B 86 -20.61 8.91 8.36
C SER B 86 -20.20 10.33 8.67
N GLN B 87 -20.49 10.83 9.89
CA GLN B 87 -19.94 12.17 10.23
C GLN B 87 -18.43 12.08 10.52
N LEU B 88 -17.94 10.97 11.08
CA LEU B 88 -16.53 10.91 11.32
C LEU B 88 -15.73 10.90 10.03
N SER B 89 -16.39 10.55 8.94
CA SER B 89 -15.74 10.39 7.66
C SER B 89 -15.57 11.71 6.90
N GLU B 90 -16.51 12.61 7.09
CA GLU B 90 -16.45 13.86 6.53
C GLU B 90 -15.29 14.52 7.11
N LEU B 91 -15.10 14.40 8.40
CA LEU B 91 -14.03 15.09 9.05
C LEU B 91 -12.69 14.48 8.63
N HIS B 92 -12.69 13.17 8.40
CA HIS B 92 -11.38 12.61 8.22
C HIS B 92 -11.03 12.83 6.76
N CYS B 93 -12.01 12.83 5.87
CA CYS B 93 -11.60 12.98 4.48
C CYS B 93 -11.56 14.33 4.06
N ASP B 94 -12.59 15.11 4.41
CA ASP B 94 -12.69 16.46 3.90
C ASP B 94 -11.78 17.43 4.60
N LYS B 95 -11.95 17.48 5.91
CA LYS B 95 -11.36 18.46 6.65
C LYS B 95 -9.90 18.21 6.91
N LEU B 96 -9.56 17.02 7.37
CA LEU B 96 -8.27 16.74 7.89
C LEU B 96 -7.45 16.15 6.77
N HIS B 97 -8.09 15.57 5.75
CA HIS B 97 -7.39 15.10 4.52
C HIS B 97 -6.42 13.93 4.73
N VAL B 98 -6.75 13.10 5.72
CA VAL B 98 -6.20 11.78 5.87
C VAL B 98 -6.30 10.72 4.80
N ASP B 99 -5.14 10.20 4.44
CA ASP B 99 -5.22 9.16 3.47
C ASP B 99 -5.75 7.92 4.12
N PRO B 100 -6.80 7.36 3.52
CA PRO B 100 -7.40 6.07 3.98
C PRO B 100 -6.40 4.91 4.26
N GLU B 101 -5.29 4.84 3.57
CA GLU B 101 -4.33 3.88 4.05
C GLU B 101 -4.10 4.06 5.54
N ASN B 102 -4.35 5.21 6.11
CA ASN B 102 -3.95 5.32 7.50
C ASN B 102 -4.95 4.67 8.41
N PHE B 103 -6.10 4.34 7.91
CA PHE B 103 -7.04 3.85 8.82
C PHE B 103 -6.70 2.42 8.90
N ARG B 104 -6.23 1.87 7.78
CA ARG B 104 -5.86 0.51 7.76
C ARG B 104 -4.77 0.42 8.79
N LEU B 105 -3.66 1.11 8.60
CA LEU B 105 -2.68 1.25 9.69
C LEU B 105 -3.20 1.40 11.12
N LEU B 106 -4.11 2.33 11.45
CA LEU B 106 -4.53 2.26 12.85
C LEU B 106 -5.32 0.97 13.18
N GLY B 107 -6.04 0.35 12.23
CA GLY B 107 -6.84 -0.82 12.62
C GLY B 107 -5.87 -1.95 12.92
N ASP B 108 -4.79 -2.05 12.14
CA ASP B 108 -3.79 -3.07 12.40
C ASP B 108 -3.14 -2.82 13.74
N ILE B 109 -2.96 -1.57 14.09
CA ILE B 109 -2.27 -1.34 15.36
C ILE B 109 -3.19 -1.69 16.44
N LEU B 110 -4.46 -1.38 16.26
CA LEU B 110 -5.48 -1.65 17.27
C LEU B 110 -5.50 -3.10 17.69
N ILE B 111 -5.07 -3.97 16.79
CA ILE B 111 -5.28 -5.33 16.94
C ILE B 111 -4.07 -5.77 17.61
N ILE B 112 -2.92 -5.29 17.21
CA ILE B 112 -1.77 -5.53 18.08
C ILE B 112 -2.01 -5.08 19.55
N VAL B 113 -2.63 -4.00 19.77
CA VAL B 113 -2.82 -3.60 21.11
C VAL B 113 -3.81 -4.55 21.75
N LEU B 114 -4.83 -5.07 21.01
CA LEU B 114 -5.85 -5.87 21.83
C LEU B 114 -5.19 -7.26 22.15
N ALA B 115 -4.29 -7.70 21.26
CA ALA B 115 -3.57 -8.90 21.43
C ALA B 115 -2.90 -8.80 22.78
N ALA B 116 -2.40 -7.64 23.09
CA ALA B 116 -1.37 -7.57 24.06
C ALA B 116 -2.11 -7.38 25.35
N HIS B 117 -3.38 -6.99 25.34
CA HIS B 117 -4.01 -6.92 26.64
C HIS B 117 -4.82 -8.08 26.82
N PHE B 118 -4.89 -9.03 25.97
CA PHE B 118 -5.85 -10.08 26.22
C PHE B 118 -5.24 -11.41 26.01
N SER B 119 -4.01 -11.45 25.57
CA SER B 119 -3.36 -12.70 25.59
C SER B 119 -4.13 -13.86 25.02
N LYS B 120 -3.93 -15.03 25.48
CA LYS B 120 -4.61 -16.21 24.92
C LYS B 120 -6.11 -16.05 24.82
N ASP B 121 -6.62 -15.14 25.57
CA ASP B 121 -7.94 -14.77 25.32
C ASP B 121 -8.37 -14.15 23.96
N PHE B 122 -7.37 -13.66 23.21
CA PHE B 122 -7.48 -13.02 21.90
C PHE B 122 -7.17 -14.13 20.96
N THR B 123 -8.10 -15.02 20.91
CA THR B 123 -8.12 -16.19 20.06
C THR B 123 -8.01 -16.10 18.50
N PRO B 124 -7.37 -17.10 17.84
CA PRO B 124 -7.50 -16.93 16.36
C PRO B 124 -8.92 -16.62 15.77
N GLU B 125 -9.99 -17.16 16.30
CA GLU B 125 -11.28 -16.85 15.64
C GLU B 125 -11.52 -15.44 15.98
N CYS B 126 -11.17 -15.09 17.20
CA CYS B 126 -11.43 -13.79 17.75
C CYS B 126 -10.62 -12.81 16.99
N GLN B 127 -9.34 -13.05 16.63
CA GLN B 127 -8.65 -12.02 15.88
C GLN B 127 -9.25 -11.89 14.50
N ALA B 128 -9.76 -12.97 13.96
CA ALA B 128 -10.28 -12.81 12.64
C ALA B 128 -11.55 -11.95 12.72
N ALA B 129 -12.19 -11.89 13.86
CA ALA B 129 -13.45 -11.22 13.97
C ALA B 129 -13.11 -9.73 13.97
N TRP B 130 -12.10 -9.39 14.76
CA TRP B 130 -11.65 -8.03 14.97
C TRP B 130 -10.97 -7.44 13.72
N GLN B 131 -10.24 -8.26 12.98
CA GLN B 131 -9.63 -7.75 11.83
C GLN B 131 -10.75 -7.39 10.88
N LYS B 132 -11.83 -8.10 10.89
CA LYS B 132 -12.84 -7.73 9.98
C LYS B 132 -13.56 -6.49 10.53
N LEU B 133 -13.63 -6.31 11.85
CA LEU B 133 -14.33 -5.19 12.33
C LEU B 133 -13.62 -3.90 11.93
N VAL B 134 -12.29 -3.90 12.06
CA VAL B 134 -11.52 -2.69 11.89
C VAL B 134 -11.45 -2.54 10.41
N ARG B 135 -11.52 -3.63 9.68
CA ARG B 135 -11.53 -3.46 8.23
C ARG B 135 -12.75 -2.64 7.89
N VAL B 136 -13.83 -2.81 8.61
CA VAL B 136 -15.05 -2.39 8.12
C VAL B 136 -15.09 -0.92 8.50
N VAL B 137 -14.84 -0.61 9.77
CA VAL B 137 -14.82 0.74 10.23
C VAL B 137 -14.00 1.55 9.28
N ALA B 138 -12.84 1.03 8.87
CA ALA B 138 -12.06 1.79 7.95
C ALA B 138 -12.68 2.05 6.70
N HIS B 139 -13.49 1.17 6.15
CA HIS B 139 -14.05 1.42 4.83
C HIS B 139 -15.21 2.34 5.07
N ALA B 140 -15.72 2.26 6.32
CA ALA B 140 -16.84 3.07 6.67
C ALA B 140 -16.29 4.46 6.62
N LEU B 141 -15.07 4.67 7.07
CA LEU B 141 -14.63 6.03 7.12
C LEU B 141 -14.18 6.42 5.80
N ALA B 142 -13.71 5.49 5.04
CA ALA B 142 -13.16 5.88 3.80
C ALA B 142 -14.28 6.14 2.76
N ARG B 143 -15.52 5.75 3.03
CA ARG B 143 -16.63 6.00 2.06
C ARG B 143 -16.45 7.31 1.27
N LYS B 144 -16.43 8.40 2.03
CA LYS B 144 -16.19 9.76 1.50
C LYS B 144 -14.88 9.79 0.63
N TYR B 145 -14.95 9.12 -0.52
CA TYR B 145 -14.05 9.34 -1.62
C TYR B 145 -14.83 8.65 -2.68
N HIS B 146 -14.74 7.33 -2.62
CA HIS B 146 -15.11 6.54 -3.77
C HIS B 146 -16.20 5.44 -3.46
N VAL C 2 16.67 -5.65 -7.46
CA VAL C 2 17.53 -4.39 -7.30
C VAL C 2 17.42 -3.30 -8.44
N LEU C 3 18.55 -2.67 -8.80
CA LEU C 3 18.63 -1.99 -10.09
C LEU C 3 19.63 -2.68 -10.95
N SER C 4 19.21 -3.78 -11.57
CA SER C 4 19.75 -4.27 -12.89
C SER C 4 20.45 -3.21 -13.78
N ALA C 5 21.73 -3.37 -14.04
CA ALA C 5 22.36 -2.68 -15.18
C ALA C 5 21.52 -2.52 -16.54
N ALA C 6 20.46 -3.31 -16.75
CA ALA C 6 19.54 -3.02 -17.88
C ALA C 6 18.61 -1.88 -17.42
N ASP C 7 18.17 -2.03 -16.15
CA ASP C 7 17.45 -1.01 -15.43
C ASP C 7 18.28 0.25 -15.48
N LYS C 8 19.41 0.30 -14.77
CA LYS C 8 20.24 1.52 -14.90
C LYS C 8 20.39 1.98 -16.34
N ASN C 9 20.28 1.10 -17.29
CA ASN C 9 20.42 1.55 -18.64
C ASN C 9 19.15 2.23 -19.05
N ASN C 10 17.99 1.50 -18.89
CA ASN C 10 16.65 1.90 -19.41
C ASN C 10 16.30 3.30 -18.93
N VAL C 11 16.47 3.46 -17.63
CA VAL C 11 16.40 4.75 -17.00
C VAL C 11 17.17 5.92 -17.66
N LYS C 12 18.51 5.90 -17.64
CA LYS C 12 19.33 6.85 -18.47
C LYS C 12 18.75 7.17 -19.85
N GLY C 13 18.21 6.12 -20.52
CA GLY C 13 17.83 6.23 -21.91
C GLY C 13 16.93 7.40 -21.98
N ILE C 14 16.01 7.29 -21.04
CA ILE C 14 14.84 8.17 -20.96
C ILE C 14 15.03 9.51 -20.22
N PHE C 15 15.99 9.56 -19.31
CA PHE C 15 16.22 10.82 -18.69
C PHE C 15 16.92 11.79 -19.66
N THR C 16 17.41 11.19 -20.72
CA THR C 16 18.14 11.82 -21.81
C THR C 16 17.19 12.09 -22.95
N LYS C 17 16.12 11.29 -23.09
CA LYS C 17 15.01 11.81 -23.88
C LYS C 17 14.52 13.05 -23.12
N ILE C 18 14.35 13.01 -21.78
CA ILE C 18 13.80 14.17 -21.06
C ILE C 18 14.70 15.37 -21.26
N ALA C 19 15.58 15.58 -20.24
CA ALA C 19 16.87 16.27 -20.46
C ALA C 19 16.67 17.73 -20.19
N GLY C 20 16.31 18.51 -21.18
CA GLY C 20 16.24 19.91 -21.03
C GLY C 20 14.78 20.31 -21.08
N HIS C 21 13.91 19.30 -21.26
CA HIS C 21 12.44 19.39 -20.95
C HIS C 21 12.19 19.16 -19.52
N ALA C 22 13.31 18.96 -18.83
CA ALA C 22 13.51 19.08 -17.41
C ALA C 22 12.47 19.87 -16.70
N GLU C 23 12.69 21.16 -16.55
CA GLU C 23 11.78 22.18 -16.01
C GLU C 23 10.30 22.24 -16.54
N GLU C 24 10.05 22.07 -17.82
CA GLU C 24 8.68 21.93 -18.30
C GLU C 24 8.02 20.69 -17.72
N TYR C 25 8.66 19.53 -17.75
CA TYR C 25 8.13 18.29 -17.21
C TYR C 25 7.87 18.26 -15.73
N GLY C 26 8.76 18.85 -14.95
CA GLY C 26 8.52 18.96 -13.56
C GLY C 26 7.26 19.73 -13.25
N ALA C 27 7.08 20.92 -13.86
CA ALA C 27 5.86 21.75 -13.63
C ALA C 27 4.60 20.96 -13.95
N GLU C 28 4.65 20.24 -15.05
CA GLU C 28 3.51 19.55 -15.46
C GLU C 28 3.19 18.39 -14.51
N THR C 29 4.25 17.67 -14.02
CA THR C 29 3.98 16.54 -13.16
C THR C 29 3.31 17.09 -11.91
N LEU C 30 3.77 18.22 -11.44
CA LEU C 30 3.21 18.81 -10.29
C LEU C 30 1.72 19.19 -10.44
N GLU C 31 1.40 19.76 -11.57
CA GLU C 31 0.08 20.21 -11.85
C GLU C 31 -0.89 19.02 -11.93
N ARG C 32 -0.45 17.93 -12.49
CA ARG C 32 -1.34 16.87 -12.55
C ARG C 32 -1.53 16.27 -11.18
N MET C 33 -0.61 16.54 -10.29
CA MET C 33 -0.64 15.89 -9.05
C MET C 33 -1.58 16.69 -8.24
N PHE C 34 -1.56 18.02 -8.25
CA PHE C 34 -2.54 18.77 -7.47
C PHE C 34 -4.02 18.71 -8.02
N ILE C 35 -4.19 18.56 -9.32
CA ILE C 35 -5.50 18.49 -9.83
C ILE C 35 -5.96 17.04 -9.72
N THR C 36 -5.13 16.05 -9.97
CA THR C 36 -5.70 14.74 -9.78
C THR C 36 -5.78 14.27 -8.32
N TYR C 37 -4.95 14.79 -7.43
CA TYR C 37 -4.93 14.33 -6.06
C TYR C 37 -5.02 15.48 -5.05
N PRO C 38 -6.13 16.18 -5.10
CA PRO C 38 -6.22 17.40 -4.37
C PRO C 38 -5.49 17.52 -2.89
N PRO C 39 -5.63 16.48 -2.13
CA PRO C 39 -5.09 16.56 -0.81
C PRO C 39 -3.54 16.84 -0.85
N THR C 40 -2.86 16.51 -1.95
CA THR C 40 -1.52 16.91 -2.06
C THR C 40 -1.23 18.45 -2.07
N LYS C 41 -2.21 19.26 -2.33
CA LYS C 41 -2.00 20.66 -2.33
C LYS C 41 -1.81 21.05 -0.88
N THR C 42 -2.29 20.28 0.07
CA THR C 42 -2.15 20.82 1.40
C THR C 42 -0.72 20.82 1.78
N TYR C 43 0.20 20.24 1.02
CA TYR C 43 1.67 20.45 1.39
C TYR C 43 2.30 21.70 0.79
N PHE C 44 1.46 22.53 0.23
CA PHE C 44 1.94 23.57 -0.60
C PHE C 44 1.16 24.83 -0.27
N PRO C 45 1.10 25.11 1.01
CA PRO C 45 0.07 26.06 1.46
C PRO C 45 0.55 27.44 0.98
N HIS C 46 1.84 27.52 0.72
CA HIS C 46 2.47 28.73 0.53
C HIS C 46 2.72 29.00 -0.88
N PHE C 47 2.29 28.19 -1.84
CA PHE C 47 2.80 28.43 -3.20
C PHE C 47 1.65 28.96 -3.94
N ASP C 48 1.98 29.62 -5.07
CA ASP C 48 0.96 29.96 -6.07
C ASP C 48 0.70 28.79 -7.02
N LEU C 49 -0.46 28.18 -6.84
CA LEU C 49 -0.71 26.86 -7.32
C LEU C 49 -1.56 26.96 -8.52
N SER C 50 -1.58 28.12 -9.17
CA SER C 50 -2.46 28.30 -10.28
C SER C 50 -1.73 27.95 -11.59
N HIS C 51 -2.48 27.41 -12.54
CA HIS C 51 -1.85 26.81 -13.69
C HIS C 51 -0.89 27.81 -14.26
N GLY C 52 0.36 27.44 -14.38
CA GLY C 52 1.26 28.36 -15.04
C GLY C 52 2.30 28.84 -14.11
N SER C 53 2.02 28.71 -12.83
CA SER C 53 2.68 29.56 -11.89
C SER C 53 4.21 29.60 -11.84
N ALA C 54 4.69 30.79 -11.58
CA ALA C 54 6.10 31.03 -11.55
C ALA C 54 6.71 30.07 -10.53
N GLN C 55 6.13 29.94 -9.35
CA GLN C 55 6.89 29.13 -8.43
C GLN C 55 6.80 27.71 -8.70
N ILE C 56 5.80 27.29 -9.42
CA ILE C 56 5.54 25.88 -9.59
C ILE C 56 6.55 25.41 -10.57
N LYS C 57 6.72 26.21 -11.64
CA LYS C 57 7.81 26.03 -12.61
C LYS C 57 9.10 25.86 -11.81
N GLY C 58 9.29 26.77 -10.84
CA GLY C 58 10.61 26.93 -10.24
C GLY C 58 10.86 25.65 -9.55
N HIS C 59 9.98 25.34 -8.59
CA HIS C 59 9.92 24.06 -7.92
C HIS C 59 9.96 22.87 -8.78
N GLY C 60 9.13 22.82 -9.81
CA GLY C 60 9.23 21.70 -10.73
C GLY C 60 10.68 21.41 -11.20
N LYS C 61 11.50 22.45 -11.44
CA LYS C 61 12.74 22.21 -12.11
C LYS C 61 13.50 21.49 -11.15
N LYS C 62 13.40 22.01 -9.93
CA LYS C 62 14.18 21.54 -8.71
C LYS C 62 13.85 20.11 -8.41
N VAL C 63 12.58 19.68 -8.44
CA VAL C 63 12.33 18.29 -8.33
C VAL C 63 13.13 17.63 -9.45
N VAL C 64 12.95 18.00 -10.73
CA VAL C 64 13.37 16.96 -11.79
C VAL C 64 14.83 16.82 -11.89
N ALA C 65 15.46 17.95 -11.64
CA ALA C 65 16.88 18.14 -11.35
C ALA C 65 17.34 17.10 -10.32
N ALA C 66 16.77 17.11 -9.09
CA ALA C 66 17.16 16.16 -8.09
C ALA C 66 17.01 14.76 -8.71
N LEU C 67 15.99 14.58 -9.53
CA LEU C 67 15.71 13.32 -10.15
C LEU C 67 16.84 13.03 -11.15
N ILE C 68 17.34 14.07 -11.83
CA ILE C 68 18.30 13.80 -12.88
C ILE C 68 19.62 13.66 -12.12
N GLU C 69 19.53 13.73 -10.82
CA GLU C 69 20.80 13.90 -10.29
C GLU C 69 21.14 12.59 -9.76
N ALA C 70 20.20 11.73 -9.74
CA ALA C 70 20.45 10.63 -8.91
C ALA C 70 20.42 9.70 -10.03
N ALA C 71 20.12 10.21 -11.23
CA ALA C 71 20.14 9.24 -12.32
C ALA C 71 21.61 9.30 -12.62
N ASN C 72 22.29 10.39 -12.28
CA ASN C 72 23.73 10.39 -12.48
C ASN C 72 24.49 9.64 -11.43
N HIS C 73 23.86 9.02 -10.44
CA HIS C 73 24.49 8.19 -9.44
C HIS C 73 23.52 7.10 -9.11
N ILE C 74 22.72 6.81 -10.14
CA ILE C 74 21.81 5.72 -10.18
C ILE C 74 22.49 4.61 -9.38
N ASP C 75 23.81 4.60 -9.45
CA ASP C 75 24.60 3.79 -8.47
C ASP C 75 24.47 4.15 -6.97
N ASP C 76 24.52 5.39 -6.55
CA ASP C 76 24.22 5.65 -5.15
C ASP C 76 23.32 6.83 -4.88
N ILE C 77 22.11 6.60 -5.36
CA ILE C 77 20.93 7.37 -5.15
C ILE C 77 20.79 7.81 -3.70
N ALA C 78 21.12 6.90 -2.76
CA ALA C 78 20.67 7.05 -1.36
C ALA C 78 21.43 8.22 -0.75
N GLY C 79 22.47 8.54 -1.48
CA GLY C 79 23.51 9.31 -0.92
C GLY C 79 23.45 10.54 -1.73
N THR C 80 23.16 10.38 -3.03
CA THR C 80 22.98 11.53 -3.90
C THR C 80 21.86 12.38 -3.31
N LEU C 81 21.08 11.82 -2.36
CA LEU C 81 19.74 12.33 -1.91
C LEU C 81 19.53 12.36 -0.40
N SER C 82 20.45 11.86 0.39
CA SER C 82 20.30 11.95 1.83
C SER C 82 19.73 13.32 2.21
N LYS C 83 20.35 14.38 1.68
CA LYS C 83 20.01 15.74 2.04
C LYS C 83 18.50 15.99 2.01
N LEU C 84 17.78 15.39 1.07
CA LEU C 84 16.33 15.63 1.00
C LEU C 84 15.39 14.81 1.87
N SER C 85 15.76 13.59 2.23
CA SER C 85 15.04 12.90 3.37
C SER C 85 14.90 13.71 4.64
N ASP C 86 15.96 14.34 5.11
CA ASP C 86 15.68 15.05 6.27
C ASP C 86 14.44 15.97 6.03
N LEU C 87 14.49 16.76 4.96
CA LEU C 87 13.39 17.66 4.64
C LEU C 87 12.05 16.99 4.68
N HIS C 88 11.86 15.93 3.88
CA HIS C 88 10.52 15.38 3.57
C HIS C 88 9.92 14.55 4.71
N ALA C 89 10.82 13.70 5.21
CA ALA C 89 10.62 12.80 6.32
C ALA C 89 10.55 13.46 7.62
N HIS C 90 11.34 14.46 7.88
CA HIS C 90 11.41 14.91 9.27
CA HIS C 90 11.38 14.91 9.24
C HIS C 90 10.77 16.29 9.41
N LYS C 91 11.08 17.22 8.54
CA LYS C 91 10.48 18.51 8.71
C LYS C 91 9.06 18.40 8.23
N LEU C 92 8.93 18.13 6.93
CA LEU C 92 7.63 18.15 6.31
C LEU C 92 6.74 16.99 6.69
N ARG C 93 7.28 15.86 7.21
CA ARG C 93 6.49 14.59 7.41
C ARG C 93 5.59 14.14 6.19
N VAL C 94 6.11 14.19 4.98
CA VAL C 94 5.28 13.66 3.87
C VAL C 94 4.85 12.22 4.00
N ASP C 95 3.57 11.93 3.83
CA ASP C 95 3.04 10.56 3.90
C ASP C 95 3.54 9.79 2.69
N PRO C 96 4.07 8.61 2.86
CA PRO C 96 4.62 7.94 1.70
C PRO C 96 3.67 7.76 0.55
N VAL C 97 2.41 7.72 0.80
CA VAL C 97 1.56 7.46 -0.32
C VAL C 97 1.74 8.53 -1.40
N ASN C 98 2.17 9.67 -0.93
CA ASN C 98 2.21 10.77 -1.77
C ASN C 98 3.28 10.60 -2.80
N PHE C 99 4.32 9.75 -2.52
CA PHE C 99 5.40 9.56 -3.46
C PHE C 99 4.90 8.75 -4.57
N LYS C 100 4.11 7.71 -4.30
CA LYS C 100 3.50 7.05 -5.50
C LYS C 100 2.59 8.04 -6.35
N LEU C 101 1.85 8.95 -5.71
CA LEU C 101 1.13 9.85 -6.53
C LEU C 101 1.96 10.63 -7.51
N LEU C 102 3.03 11.31 -7.03
CA LEU C 102 4.00 12.14 -7.88
C LEU C 102 4.60 11.12 -8.85
N GLY C 103 4.91 9.94 -8.35
CA GLY C 103 5.61 9.03 -9.25
C GLY C 103 4.72 8.80 -10.45
N GLN C 104 3.40 8.76 -10.20
CA GLN C 104 2.51 8.39 -11.23
C GLN C 104 2.19 9.50 -12.18
N CYS C 105 2.25 10.72 -11.72
CA CYS C 105 1.99 11.81 -12.55
C CYS C 105 3.20 11.99 -13.48
N PHE C 106 4.37 11.61 -13.02
CA PHE C 106 5.53 11.84 -13.86
C PHE C 106 5.63 10.66 -14.84
N LEU C 107 4.94 9.53 -14.59
CA LEU C 107 5.04 8.55 -15.69
C LEU C 107 4.12 9.12 -16.79
N VAL C 108 2.92 9.51 -16.34
CA VAL C 108 1.98 10.08 -17.25
C VAL C 108 2.62 11.13 -18.12
N VAL C 109 3.37 12.08 -17.52
CA VAL C 109 4.04 13.11 -18.30
C VAL C 109 4.95 12.50 -19.38
N VAL C 110 5.84 11.60 -19.03
CA VAL C 110 6.72 11.00 -19.99
C VAL C 110 5.86 10.37 -21.10
N ALA C 111 4.73 9.85 -20.71
CA ALA C 111 3.93 9.02 -21.64
C ALA C 111 3.28 9.87 -22.57
N ILE C 112 2.89 11.04 -22.16
CA ILE C 112 2.36 11.97 -23.06
C ILE C 112 3.42 12.49 -24.11
N HIS C 113 4.65 12.73 -23.68
CA HIS C 113 5.68 13.33 -24.47
C HIS C 113 6.65 12.37 -25.04
N HIS C 114 6.53 11.08 -24.91
CA HIS C 114 7.64 10.22 -25.36
C HIS C 114 7.13 8.79 -25.33
N PRO C 115 6.01 8.51 -26.02
CA PRO C 115 5.29 7.22 -25.92
C PRO C 115 6.06 5.96 -26.49
N ALA C 116 6.44 6.01 -27.75
CA ALA C 116 7.66 5.43 -28.24
C ALA C 116 8.69 5.11 -27.19
N ALA C 117 9.12 6.10 -26.43
CA ALA C 117 10.22 5.72 -25.53
C ALA C 117 9.73 4.88 -24.37
N LEU C 118 8.47 5.01 -24.02
CA LEU C 118 8.04 4.35 -22.81
C LEU C 118 7.47 2.88 -23.02
N THR C 119 8.38 1.96 -23.22
CA THR C 119 7.91 0.64 -23.55
C THR C 119 7.68 -0.17 -22.25
N PRO C 120 6.83 -1.21 -22.28
CA PRO C 120 6.62 -1.94 -21.00
C PRO C 120 7.89 -2.16 -20.16
N GLU C 121 8.85 -2.81 -20.76
CA GLU C 121 10.09 -2.98 -20.12
C GLU C 121 10.68 -1.64 -19.62
N VAL C 122 10.91 -0.68 -20.50
CA VAL C 122 11.37 0.69 -20.06
C VAL C 122 10.54 1.25 -18.89
N HIS C 123 9.23 0.94 -18.91
CA HIS C 123 8.19 1.41 -17.94
C HIS C 123 8.35 0.75 -16.56
N ALA C 124 8.42 -0.57 -16.56
CA ALA C 124 9.07 -1.28 -15.44
C ALA C 124 10.36 -0.65 -14.77
N SER C 125 11.31 -0.20 -15.58
CA SER C 125 12.58 0.18 -14.90
C SER C 125 12.47 1.50 -14.12
N LEU C 126 11.92 2.48 -14.82
CA LEU C 126 11.38 3.66 -14.25
C LEU C 126 10.57 3.39 -13.05
N ASP C 127 9.74 2.35 -13.08
CA ASP C 127 8.88 2.28 -11.88
C ASP C 127 9.81 2.02 -10.71
N LYS C 128 10.70 1.03 -10.84
CA LYS C 128 11.59 0.59 -9.78
C LYS C 128 12.35 1.80 -9.31
N PHE C 129 12.86 2.58 -10.27
CA PHE C 129 13.55 3.89 -10.00
C PHE C 129 12.86 4.86 -8.99
N LEU C 130 11.59 5.09 -9.36
CA LEU C 130 10.68 5.95 -8.76
C LEU C 130 10.44 5.44 -7.39
N CYS C 131 10.19 4.16 -7.34
CA CYS C 131 10.18 3.49 -6.09
C CYS C 131 11.43 3.85 -5.18
N ALA C 132 12.64 3.80 -5.75
CA ALA C 132 13.82 3.80 -4.80
C ALA C 132 13.89 5.12 -4.12
N VAL C 133 13.93 6.14 -5.01
CA VAL C 133 13.69 7.54 -4.68
C VAL C 133 12.66 7.58 -3.54
N GLY C 134 11.42 7.25 -3.79
CA GLY C 134 10.50 7.36 -2.63
C GLY C 134 11.07 6.81 -1.32
N THR C 135 11.35 5.51 -1.32
CA THR C 135 12.04 4.80 -0.20
C THR C 135 13.08 5.69 0.36
N VAL C 136 14.13 6.09 -0.39
CA VAL C 136 15.10 7.07 0.16
C VAL C 136 14.53 8.39 0.83
N LEU C 137 13.65 9.04 0.11
CA LEU C 137 13.00 10.18 0.65
C LEU C 137 12.12 9.88 1.88
N THR C 138 11.80 8.65 2.14
CA THR C 138 10.97 8.36 3.31
C THR C 138 11.84 7.71 4.38
N ALA C 139 13.17 7.79 4.18
CA ALA C 139 14.14 6.89 4.79
C ALA C 139 14.32 7.07 6.25
N LYS C 140 14.12 8.29 6.72
CA LYS C 140 14.29 8.49 8.15
C LYS C 140 12.95 8.00 8.86
N TYR C 141 12.21 7.15 8.10
CA TYR C 141 11.03 6.36 8.55
C TYR C 141 11.32 4.86 8.59
N ARG C 142 12.24 4.36 7.73
CA ARG C 142 12.82 2.98 7.83
C ARG C 142 14.30 2.95 7.39
N VAL D 1 -21.71 8.16 -4.91
CA VAL D 1 -20.57 8.88 -5.55
C VAL D 1 -21.08 9.88 -6.58
N HIS D 2 -20.63 11.12 -6.48
CA HIS D 2 -21.34 12.07 -7.25
C HIS D 2 -20.50 12.55 -8.41
N TRP D 3 -21.06 12.41 -9.62
CA TRP D 3 -20.38 12.77 -10.82
C TRP D 3 -20.77 14.17 -11.35
N SER D 4 -19.91 15.20 -11.37
CA SER D 4 -20.25 16.47 -12.01
C SER D 4 -20.44 16.27 -13.49
N ALA D 5 -20.94 17.27 -14.20
CA ALA D 5 -21.31 17.11 -15.60
C ALA D 5 -20.07 16.95 -16.47
N GLU D 6 -19.14 17.87 -16.23
CA GLU D 6 -17.80 17.91 -16.82
C GLU D 6 -17.18 16.55 -16.63
N GLU D 7 -17.31 15.98 -15.45
CA GLU D 7 -16.72 14.71 -15.30
C GLU D 7 -17.35 13.70 -16.36
N LYS D 8 -18.69 13.63 -16.42
CA LYS D 8 -19.40 12.77 -17.39
C LYS D 8 -18.95 13.08 -18.81
N GLN D 9 -19.16 14.32 -19.26
CA GLN D 9 -18.63 14.77 -20.54
C GLN D 9 -17.18 14.29 -20.74
N LEU D 10 -16.23 14.79 -20.00
CA LEU D 10 -14.84 14.31 -20.14
C LEU D 10 -14.60 12.81 -20.24
N ILE D 11 -15.41 11.97 -19.56
CA ILE D 11 -15.20 10.53 -19.63
C ILE D 11 -15.76 9.93 -20.90
N THR D 12 -17.08 10.10 -21.07
CA THR D 12 -17.85 9.77 -22.27
C THR D 12 -17.15 10.11 -23.53
N GLY D 13 -16.66 11.34 -23.64
CA GLY D 13 -15.98 11.89 -24.81
C GLY D 13 -14.79 11.05 -25.21
N LEU D 14 -13.64 11.22 -24.54
CA LEU D 14 -12.51 10.31 -24.62
C LEU D 14 -12.87 8.88 -24.86
N TRP D 15 -14.01 8.45 -24.37
CA TRP D 15 -14.19 7.01 -24.47
C TRP D 15 -14.48 6.52 -25.93
N GLY D 16 -15.59 7.02 -26.49
CA GLY D 16 -15.64 7.37 -27.91
C GLY D 16 -14.39 6.93 -28.64
N LYS D 17 -13.22 7.27 -28.17
CA LYS D 17 -12.10 7.38 -29.08
C LYS D 17 -11.07 6.32 -28.79
N VAL D 18 -11.43 5.37 -27.92
CA VAL D 18 -10.42 4.40 -27.39
C VAL D 18 -10.38 3.13 -28.31
N ASN D 19 -9.21 2.68 -28.74
CA ASN D 19 -9.05 1.38 -29.33
C ASN D 19 -9.14 0.31 -28.27
N VAL D 20 -10.32 -0.01 -27.76
CA VAL D 20 -10.45 -1.20 -26.84
C VAL D 20 -9.39 -2.36 -26.98
N ALA D 21 -9.23 -2.91 -28.13
CA ALA D 21 -8.26 -3.93 -28.25
C ALA D 21 -6.76 -3.49 -28.10
N ASP D 22 -6.37 -2.29 -28.48
CA ASP D 22 -4.92 -2.06 -28.35
C ASP D 22 -4.50 -1.65 -26.95
N CYS D 23 -5.31 -0.80 -26.33
CA CYS D 23 -5.03 -0.30 -25.01
C CYS D 23 -5.34 -1.42 -24.12
N GLY D 24 -6.43 -2.14 -24.39
CA GLY D 24 -6.82 -3.34 -23.62
C GLY D 24 -5.67 -4.33 -23.57
N ALA D 25 -5.10 -4.62 -24.70
CA ALA D 25 -3.87 -5.40 -24.69
C ALA D 25 -2.71 -4.65 -24.01
N GLU D 26 -2.41 -3.41 -24.39
CA GLU D 26 -1.31 -2.73 -23.73
C GLU D 26 -1.41 -2.69 -22.19
N ALA D 27 -2.63 -2.49 -21.69
CA ALA D 27 -2.85 -2.23 -20.29
C ALA D 27 -2.34 -3.47 -19.57
N LEU D 28 -3.05 -4.56 -19.87
CA LEU D 28 -2.72 -5.95 -19.47
C LEU D 28 -1.21 -6.38 -19.55
N ALA D 29 -0.51 -6.06 -20.59
CA ALA D 29 0.89 -6.44 -20.69
C ALA D 29 1.87 -5.71 -19.66
N ARG D 30 1.73 -4.38 -19.57
CA ARG D 30 2.27 -3.52 -18.55
C ARG D 30 1.99 -4.03 -17.16
N LEU D 31 0.76 -4.39 -16.87
CA LEU D 31 0.48 -5.09 -15.64
C LEU D 31 1.42 -6.31 -15.45
N LEU D 32 1.18 -7.45 -16.12
CA LEU D 32 2.08 -8.56 -16.05
C LEU D 32 3.55 -8.16 -16.21
N ILE D 33 3.90 -7.10 -16.91
CA ILE D 33 5.31 -6.90 -17.00
C ILE D 33 5.81 -6.10 -15.85
N VAL D 34 4.99 -5.22 -15.35
CA VAL D 34 5.56 -4.23 -14.39
C VAL D 34 5.49 -4.72 -12.93
N TYR D 35 4.49 -5.59 -12.72
CA TYR D 35 4.02 -6.15 -11.47
C TYR D 35 4.07 -7.70 -11.55
N PRO D 36 5.27 -8.25 -11.78
CA PRO D 36 5.31 -9.62 -12.17
C PRO D 36 4.57 -10.58 -11.31
N TRP D 37 4.35 -10.31 -10.02
CA TRP D 37 3.56 -11.34 -9.24
C TRP D 37 2.20 -11.59 -9.84
N THR D 38 1.59 -10.56 -10.48
CA THR D 38 0.34 -10.71 -11.22
C THR D 38 0.39 -11.87 -12.20
N GLN D 39 1.59 -12.26 -12.69
CA GLN D 39 1.62 -13.37 -13.59
C GLN D 39 1.06 -14.66 -12.94
N ARG D 40 1.36 -14.94 -11.69
CA ARG D 40 0.72 -16.07 -11.11
C ARG D 40 -0.79 -16.19 -11.46
N PHE D 41 -1.56 -15.14 -11.75
CA PHE D 41 -3.00 -15.42 -11.91
C PHE D 41 -3.37 -16.01 -13.24
N PHE D 42 -2.42 -15.86 -14.19
CA PHE D 42 -2.57 -16.14 -15.62
C PHE D 42 -1.68 -17.28 -16.05
N ALA D 43 -1.74 -18.41 -15.41
CA ALA D 43 -0.83 -19.35 -15.96
C ALA D 43 -1.55 -20.22 -17.05
N SER D 44 -2.82 -20.48 -16.87
CA SER D 44 -3.64 -20.84 -18.04
C SER D 44 -3.55 -19.88 -19.33
N PHE D 45 -2.56 -18.98 -19.40
CA PHE D 45 -2.24 -18.25 -20.64
C PHE D 45 -0.94 -18.74 -21.22
N GLY D 46 -0.44 -19.90 -20.82
CA GLY D 46 0.77 -20.36 -21.51
C GLY D 46 1.93 -19.36 -21.39
N ASN D 47 2.60 -19.10 -22.45
CA ASN D 47 3.96 -18.72 -22.22
C ASN D 47 3.97 -17.25 -21.90
N LEU D 48 4.37 -16.92 -20.66
CA LEU D 48 4.66 -15.52 -20.18
C LEU D 48 6.14 -15.40 -19.81
N SER D 49 6.95 -16.26 -20.43
CA SER D 49 8.33 -16.35 -20.10
C SER D 49 9.17 -15.02 -20.14
N SER D 50 8.75 -13.99 -20.91
CA SER D 50 9.51 -12.74 -20.98
C SER D 50 8.61 -11.73 -21.50
N PRO D 51 9.07 -10.44 -21.47
CA PRO D 51 8.20 -9.32 -21.82
C PRO D 51 7.79 -9.48 -23.27
N THR D 52 8.74 -9.89 -24.12
CA THR D 52 8.37 -9.95 -25.52
C THR D 52 7.33 -11.06 -25.72
N ALA D 53 7.58 -12.15 -25.03
CA ALA D 53 6.63 -13.23 -25.05
C ALA D 53 5.26 -12.80 -24.49
N ILE D 54 5.27 -12.01 -23.41
CA ILE D 54 4.03 -11.48 -22.77
C ILE D 54 3.26 -10.55 -23.75
N LEU D 55 4.12 -9.72 -24.35
CA LEU D 55 3.77 -8.74 -25.36
C LEU D 55 2.99 -9.31 -26.66
N GLY D 56 3.50 -10.46 -27.12
CA GLY D 56 2.90 -11.31 -28.15
C GLY D 56 1.83 -12.40 -27.90
N ASN D 57 1.69 -12.89 -26.68
CA ASN D 57 0.72 -13.91 -26.38
C ASN D 57 -0.77 -13.73 -26.90
N PRO D 58 -1.23 -14.59 -27.79
CA PRO D 58 -2.57 -14.24 -28.29
C PRO D 58 -3.58 -14.23 -27.18
N MET D 59 -3.28 -14.93 -26.12
CA MET D 59 -4.31 -15.04 -25.10
C MET D 59 -4.41 -13.78 -24.22
N VAL D 60 -3.25 -13.14 -24.00
CA VAL D 60 -3.08 -11.91 -23.22
C VAL D 60 -3.86 -10.82 -23.85
N ARG D 61 -3.59 -10.55 -25.17
CA ARG D 61 -4.39 -9.56 -26.02
C ARG D 61 -5.84 -9.96 -26.05
N ALA D 62 -6.04 -11.23 -26.40
CA ALA D 62 -7.37 -11.82 -26.26
C ALA D 62 -8.02 -11.18 -25.02
N HIS D 63 -7.34 -11.23 -23.88
CA HIS D 63 -7.91 -10.86 -22.60
C HIS D 63 -7.92 -9.40 -22.37
N GLY D 64 -6.80 -8.77 -22.75
CA GLY D 64 -6.64 -7.28 -22.75
C GLY D 64 -7.98 -6.60 -23.04
N LYS D 65 -8.55 -7.12 -24.16
CA LYS D 65 -9.68 -6.51 -24.85
C LYS D 65 -11.02 -6.80 -24.11
N LYS D 66 -11.07 -7.96 -23.46
CA LYS D 66 -12.17 -8.27 -22.54
C LYS D 66 -12.37 -7.28 -21.40
N VAL D 67 -11.21 -6.99 -20.78
CA VAL D 67 -11.05 -6.06 -19.62
C VAL D 67 -11.52 -4.60 -19.85
N LEU D 68 -10.89 -4.03 -20.85
CA LEU D 68 -11.10 -2.72 -21.28
C LEU D 68 -12.58 -2.51 -21.83
N THR D 69 -13.09 -3.57 -22.37
CA THR D 69 -14.47 -3.66 -22.82
C THR D 69 -15.31 -3.45 -21.57
N SER D 70 -14.93 -4.11 -20.53
CA SER D 70 -15.67 -3.94 -19.38
C SER D 70 -15.62 -2.50 -18.84
N PHE D 71 -14.48 -1.81 -19.00
CA PHE D 71 -14.45 -0.37 -18.51
C PHE D 71 -15.50 0.45 -19.19
N GLY D 72 -15.64 0.20 -20.49
CA GLY D 72 -16.72 0.71 -21.35
C GLY D 72 -18.08 0.54 -20.74
N ASP D 73 -18.26 -0.62 -20.11
CA ASP D 73 -19.45 -0.90 -19.41
C ASP D 73 -19.67 0.11 -18.39
N ALA D 74 -18.81 0.23 -17.38
CA ALA D 74 -18.62 1.47 -16.54
C ALA D 74 -18.95 2.85 -17.19
N VAL D 75 -18.31 3.18 -18.30
CA VAL D 75 -18.51 4.49 -18.94
C VAL D 75 -20.04 4.60 -19.23
N LYS D 76 -20.57 3.63 -19.98
CA LYS D 76 -22.01 3.67 -20.23
C LYS D 76 -22.77 3.99 -18.96
N ASN D 77 -22.28 3.65 -17.77
CA ASN D 77 -23.19 3.69 -16.57
C ASN D 77 -22.67 4.39 -15.35
N LEU D 78 -22.29 5.63 -15.48
CA LEU D 78 -21.55 6.13 -14.40
C LEU D 78 -22.32 6.03 -13.05
N ASP D 79 -23.55 6.54 -13.00
CA ASP D 79 -24.29 6.56 -11.75
C ASP D 79 -24.58 5.20 -11.19
N ASN D 80 -24.18 4.20 -11.95
CA ASN D 80 -24.52 2.86 -11.58
C ASN D 80 -23.48 1.75 -11.78
N ILE D 81 -22.23 2.08 -11.49
CA ILE D 81 -21.16 1.05 -11.38
C ILE D 81 -21.44 -0.03 -10.32
N LYS D 82 -21.54 0.39 -9.08
CA LYS D 82 -21.68 -0.49 -7.95
C LYS D 82 -22.41 -1.76 -8.31
N ASN D 83 -23.65 -1.66 -8.83
CA ASN D 83 -24.41 -2.84 -9.38
C ASN D 83 -23.86 -3.45 -10.63
N THR D 84 -23.23 -2.71 -11.51
CA THR D 84 -22.86 -3.34 -12.74
C THR D 84 -21.73 -4.31 -12.53
N PHE D 85 -21.10 -4.22 -11.38
CA PHE D 85 -19.86 -4.98 -11.29
C PHE D 85 -19.96 -5.84 -10.07
N SER D 86 -21.18 -6.15 -9.68
CA SER D 86 -21.42 -7.23 -8.71
C SER D 86 -20.87 -8.62 -9.13
N GLN D 87 -21.00 -9.04 -10.38
CA GLN D 87 -20.78 -10.46 -10.66
C GLN D 87 -19.26 -10.68 -10.93
N LEU D 88 -18.71 -9.68 -11.65
CA LEU D 88 -17.27 -9.52 -11.87
C LEU D 88 -16.63 -9.35 -10.51
N SER D 89 -17.44 -8.90 -9.55
CA SER D 89 -16.99 -8.81 -8.20
C SER D 89 -16.77 -10.16 -7.56
N GLU D 90 -17.73 -11.12 -7.74
CA GLU D 90 -17.64 -12.42 -7.06
C GLU D 90 -16.46 -13.11 -7.68
N LEU D 91 -16.34 -12.93 -8.99
CA LEU D 91 -15.38 -13.70 -9.75
C LEU D 91 -13.97 -13.39 -9.25
N HIS D 92 -13.77 -12.09 -9.06
CA HIS D 92 -12.44 -11.61 -8.79
C HIS D 92 -12.03 -11.85 -7.31
N CYS D 93 -13.02 -11.98 -6.43
CA CYS D 93 -12.81 -11.97 -4.98
C CYS D 93 -12.97 -13.34 -4.30
N ASP D 94 -14.13 -13.96 -4.48
CA ASP D 94 -14.41 -15.37 -4.07
C ASP D 94 -13.71 -16.43 -4.94
N LYS D 95 -13.88 -16.37 -6.26
CA LYS D 95 -13.23 -17.35 -7.13
C LYS D 95 -11.71 -17.32 -7.22
N LEU D 96 -11.23 -16.25 -7.83
CA LEU D 96 -9.77 -16.02 -7.94
C LEU D 96 -9.00 -15.50 -6.75
N HIS D 97 -9.61 -14.80 -5.81
CA HIS D 97 -8.88 -14.34 -4.65
C HIS D 97 -7.77 -13.35 -5.07
N VAL D 98 -8.17 -12.26 -5.75
CA VAL D 98 -7.21 -11.20 -6.19
C VAL D 98 -7.17 -9.98 -5.12
N ASP D 99 -6.02 -9.84 -4.44
CA ASP D 99 -5.86 -8.64 -3.64
C ASP D 99 -6.22 -7.43 -4.46
N PRO D 100 -7.15 -6.63 -3.91
CA PRO D 100 -7.75 -5.36 -4.33
C PRO D 100 -6.74 -4.35 -4.58
N GLU D 101 -5.75 -4.29 -3.76
CA GLU D 101 -4.70 -3.41 -4.14
C GLU D 101 -4.18 -3.66 -5.64
N ASN D 102 -4.45 -4.79 -6.26
CA ASN D 102 -3.96 -4.88 -7.64
C ASN D 102 -4.94 -4.33 -8.61
N PHE D 103 -6.14 -4.04 -8.14
CA PHE D 103 -7.05 -3.29 -8.94
C PHE D 103 -6.56 -1.87 -9.06
N ARG D 104 -5.92 -1.37 -8.05
CA ARG D 104 -5.59 -0.01 -8.10
C ARG D 104 -4.43 0.08 -9.05
N LEU D 105 -3.60 -0.92 -9.01
CA LEU D 105 -2.43 -0.92 -9.82
C LEU D 105 -2.82 -0.93 -11.29
N LEU D 106 -3.81 -1.79 -11.60
CA LEU D 106 -4.27 -1.80 -12.97
C LEU D 106 -4.84 -0.48 -13.40
N GLY D 107 -5.69 0.11 -12.57
CA GLY D 107 -6.27 1.37 -12.86
C GLY D 107 -5.05 2.20 -13.14
N ASP D 108 -3.98 1.97 -12.43
CA ASP D 108 -3.04 3.04 -12.50
C ASP D 108 -2.45 2.88 -13.81
N ILE D 109 -2.39 1.66 -14.27
CA ILE D 109 -1.62 1.45 -15.47
C ILE D 109 -2.46 1.83 -16.65
N LEU D 110 -3.75 1.56 -16.57
CA LEU D 110 -4.67 1.96 -17.62
C LEU D 110 -4.40 3.37 -17.84
N ILE D 111 -4.12 4.06 -16.75
CA ILE D 111 -4.15 5.51 -16.93
C ILE D 111 -2.94 5.96 -17.75
N ILE D 112 -1.81 5.25 -17.61
CA ILE D 112 -0.64 5.64 -18.30
C ILE D 112 -0.83 5.15 -19.74
N VAL D 113 -1.75 4.22 -19.96
CA VAL D 113 -1.97 3.73 -21.33
C VAL D 113 -2.87 4.71 -22.16
N LEU D 114 -3.91 5.24 -21.55
CA LEU D 114 -4.56 6.42 -22.13
C LEU D 114 -3.54 7.55 -22.43
N ALA D 115 -2.57 7.76 -21.55
CA ALA D 115 -1.93 9.04 -21.63
C ALA D 115 -1.02 8.90 -22.81
N ALA D 116 -0.64 7.67 -23.08
CA ALA D 116 0.37 7.52 -24.09
C ALA D 116 -0.28 7.53 -25.47
N HIS D 117 -1.55 7.14 -25.52
CA HIS D 117 -2.30 7.06 -26.73
C HIS D 117 -3.16 8.31 -26.90
N PHE D 118 -2.98 9.40 -26.15
CA PHE D 118 -3.89 10.56 -26.34
C PHE D 118 -3.12 11.85 -26.39
N SER D 119 -1.82 11.68 -26.23
CA SER D 119 -0.99 12.69 -25.53
C SER D 119 -1.79 13.90 -25.09
N LYS D 120 -1.33 15.08 -25.45
CA LYS D 120 -1.89 16.38 -24.99
C LYS D 120 -3.40 16.46 -24.90
N ASP D 121 -4.10 15.64 -25.65
CA ASP D 121 -5.53 15.59 -25.53
C ASP D 121 -6.01 15.05 -24.23
N PHE D 122 -5.10 14.54 -23.44
CA PHE D 122 -5.44 13.92 -22.13
C PHE D 122 -5.15 14.97 -21.08
N THR D 123 -6.00 15.93 -20.99
CA THR D 123 -5.62 17.07 -20.25
C THR D 123 -5.54 16.67 -18.73
N PRO D 124 -4.93 17.49 -17.89
CA PRO D 124 -4.96 17.26 -16.45
C PRO D 124 -6.29 17.03 -15.91
N GLU D 125 -7.32 17.67 -16.50
CA GLU D 125 -8.68 17.75 -15.95
C GLU D 125 -9.34 16.44 -16.26
N CYS D 126 -8.73 15.80 -17.23
CA CYS D 126 -9.26 14.67 -17.89
C CYS D 126 -8.69 13.53 -17.13
N GLN D 127 -7.49 13.73 -16.66
CA GLN D 127 -6.84 12.64 -16.08
C GLN D 127 -7.49 12.45 -14.74
N ALA D 128 -8.03 13.49 -14.18
CA ALA D 128 -8.55 13.35 -12.87
C ALA D 128 -9.93 12.65 -12.97
N ALA D 129 -10.81 13.17 -13.84
CA ALA D 129 -12.03 12.49 -14.29
C ALA D 129 -11.79 11.00 -14.29
N TRP D 130 -10.73 10.61 -15.02
CA TRP D 130 -10.43 9.20 -15.15
C TRP D 130 -9.80 8.58 -13.87
N GLN D 131 -9.11 9.33 -13.03
CA GLN D 131 -8.47 8.66 -11.95
C GLN D 131 -9.70 8.26 -11.14
N LYS D 132 -10.73 9.04 -11.21
CA LYS D 132 -11.78 8.83 -10.25
C LYS D 132 -12.57 7.71 -10.76
N LEU D 133 -12.55 7.60 -12.07
CA LEU D 133 -13.36 6.61 -12.72
C LEU D 133 -12.70 5.29 -12.21
N VAL D 134 -11.42 5.10 -12.59
CA VAL D 134 -10.65 3.90 -12.29
C VAL D 134 -10.74 3.53 -10.81
N ARG D 135 -11.16 4.46 -9.98
CA ARG D 135 -10.97 4.24 -8.60
C ARG D 135 -12.29 3.73 -8.11
N VAL D 136 -13.33 4.50 -8.38
CA VAL D 136 -14.69 4.00 -8.37
C VAL D 136 -14.83 2.53 -8.91
N VAL D 137 -14.00 2.18 -9.88
CA VAL D 137 -14.20 0.90 -10.46
C VAL D 137 -13.60 -0.12 -9.59
N ALA D 138 -12.43 0.21 -9.03
CA ALA D 138 -11.79 -0.75 -8.15
C ALA D 138 -12.38 -0.66 -6.74
N HIS D 139 -13.22 0.28 -6.40
CA HIS D 139 -13.98 -0.08 -5.20
C HIS D 139 -15.12 -0.94 -5.46
N ALA D 140 -15.47 -1.16 -6.73
CA ALA D 140 -16.78 -1.83 -7.00
C ALA D 140 -16.48 -3.28 -7.19
N LEU D 141 -15.20 -3.54 -7.35
CA LEU D 141 -14.78 -4.92 -7.49
C LEU D 141 -14.39 -5.41 -6.12
N ALA D 142 -13.64 -4.61 -5.37
CA ALA D 142 -13.46 -4.82 -3.96
C ALA D 142 -14.65 -4.48 -3.02
N ARG D 143 -15.91 -4.54 -3.49
CA ARG D 143 -17.06 -4.39 -2.56
C ARG D 143 -17.04 -5.66 -1.76
N LYS D 144 -17.15 -6.76 -2.51
CA LYS D 144 -17.31 -8.07 -1.96
C LYS D 144 -16.15 -8.45 -1.04
N TYR D 145 -15.91 -7.55 -0.08
CA TYR D 145 -15.39 -7.91 1.23
C TYR D 145 -16.27 -7.10 2.22
N HIS D 146 -15.84 -5.86 2.44
CA HIS D 146 -16.17 -5.13 3.68
C HIS D 146 -17.14 -3.92 3.55
#